data_7C3N
#
_entry.id   7C3N
#
_cell.length_a   53.782
_cell.length_b   65.409
_cell.length_c   83.646
_cell.angle_alpha   90.000
_cell.angle_beta   90.000
_cell.angle_gamma   90.000
#
_symmetry.space_group_name_H-M   'P 21 21 21'
#
loop_
_entity.id
_entity.type
_entity.pdbx_description
1 polymer 'Tyrosine-protein kinase JAK3'
2 non-polymer 3-[(3S,4R)-3-methyl-7-(7H-pyrrolo[2,3-d]pyrimidin-4-yl)-1,7-diazaspiro[3.4]octan-1-yl]-3-oxidanylidene-propanenitrile
3 water water
#
_entity_poly.entity_id   1
_entity_poly.type   'polypeptide(L)'
_entity_poly.pdbx_seq_one_letter_code
;GSQDPTIFEERHLKYISQLGKGNFGSVELCRYDPLGDNTGALVAVKQLQHSGPDQQRDFQREIQILKALHSDFIVKYRGV
SYGPGRQSLRLVMEYLPSGCLRDFLQRHRARLDASRLLLYSSQICKGMEYLGSRRCVHRDLAARNILVESEAHVKIADFG
LAKLLPLDKD(PTR)(PTR)VVREPGQSPIFWYAPESLSDNIFSRQSDVWSFGVVLYELFTYCDKSCSPSAEFLRMMGCE
RDVPALCRLLELLEEGQRLPAPPACPAEVHELMKLCWAPSPQDRPSFSALGPQLDMLWSGSRGCETHAFTAHPEGKHHSL
SFS
;
_entity_poly.pdbx_strand_id   A
#
loop_
_chem_comp.id
_chem_comp.type
_chem_comp.name
_chem_comp.formula
FHX non-polymer 3-[(3S,4R)-3-methyl-7-(7H-pyrrolo[2,3-d]pyrimidin-4-yl)-1,7-diazaspiro[3.4]octan-1-yl]-3-oxidanylidene-propanenitrile 'C16 H18 N6 O'
#
# COMPACT_ATOMS: atom_id res chain seq x y z
N PRO A 5 -18.96 2.55 -19.13
CA PRO A 5 -19.05 4.00 -18.92
C PRO A 5 -17.88 4.57 -18.14
N THR A 6 -17.50 5.81 -18.45
CA THR A 6 -16.47 6.51 -17.71
C THR A 6 -17.04 7.53 -16.73
N ILE A 7 -18.28 7.97 -16.92
CA ILE A 7 -19.01 8.77 -15.96
C ILE A 7 -20.19 7.92 -15.49
N PHE A 8 -20.22 7.62 -14.20
CA PHE A 8 -21.27 6.81 -13.60
C PHE A 8 -22.31 7.71 -12.93
N GLU A 9 -23.57 7.47 -13.24
CA GLU A 9 -24.65 8.24 -12.64
C GLU A 9 -24.80 7.86 -11.18
N GLU A 10 -24.71 8.86 -10.29
CA GLU A 10 -24.76 8.59 -8.85
C GLU A 10 -26.03 7.83 -8.47
N ARG A 11 -27.16 8.19 -9.08
CA ARG A 11 -28.42 7.53 -8.72
C ARG A 11 -28.47 6.08 -9.14
N HIS A 12 -27.56 5.64 -10.00
CA HIS A 12 -27.49 4.25 -10.45
C HIS A 12 -26.43 3.44 -9.71
N LEU A 13 -25.69 4.07 -8.79
CA LEU A 13 -24.73 3.35 -7.94
C LEU A 13 -25.48 2.89 -6.69
N LYS A 14 -25.86 1.63 -6.69
CA LYS A 14 -26.60 1.08 -5.56
C LYS A 14 -25.63 0.55 -4.51
N TYR A 15 -25.69 1.15 -3.33
CA TYR A 15 -24.80 0.77 -2.25
C TYR A 15 -25.12 -0.63 -1.75
N ILE A 16 -24.07 -1.44 -1.56
CA ILE A 16 -24.19 -2.78 -1.01
C ILE A 16 -23.55 -2.87 0.38
N SER A 17 -22.26 -2.56 0.48
CA SER A 17 -21.54 -2.72 1.73
C SER A 17 -20.27 -1.89 1.69
N GLN A 18 -19.66 -1.73 2.86
CA GLN A 18 -18.34 -1.11 2.97
C GLN A 18 -17.27 -2.13 2.63
N LEU A 19 -16.29 -1.69 1.86
CA LEU A 19 -15.13 -2.53 1.55
C LEU A 19 -13.91 -2.18 2.38
N GLY A 20 -13.74 -0.91 2.74
CA GLY A 20 -12.61 -0.53 3.56
C GLY A 20 -12.60 0.96 3.81
N LYS A 21 -11.65 1.38 4.62
CA LYS A 21 -11.43 2.78 4.93
C LYS A 21 -9.95 2.98 5.22
N GLY A 22 -9.45 4.16 4.87
CA GLY A 22 -8.04 4.46 5.08
C GLY A 22 -7.73 5.91 4.81
N ASN A 23 -6.88 6.50 5.64
CA ASN A 23 -6.53 7.91 5.55
C ASN A 23 -7.82 8.70 5.70
N PHE A 24 -8.26 9.45 4.68
CA PHE A 24 -9.52 10.21 4.76
C PHE A 24 -10.58 9.66 3.81
N GLY A 25 -10.34 8.52 3.19
CA GLY A 25 -11.25 7.95 2.23
C GLY A 25 -11.95 6.70 2.74
N SER A 26 -12.99 6.33 2.00
CA SER A 26 -13.72 5.09 2.23
C SER A 26 -14.10 4.50 0.89
N VAL A 27 -14.06 3.17 0.79
CA VAL A 27 -14.41 2.46 -0.43
C VAL A 27 -15.63 1.60 -0.14
N GLU A 28 -16.62 1.67 -1.02
CA GLU A 28 -17.87 0.95 -0.86
C GLU A 28 -18.11 0.04 -2.06
N LEU A 29 -18.72 -1.10 -1.79
CA LEU A 29 -19.17 -1.99 -2.85
C LEU A 29 -20.52 -1.51 -3.36
N CYS A 30 -20.62 -1.28 -4.67
CA CYS A 30 -21.84 -0.84 -5.30
C CYS A 30 -22.12 -1.69 -6.53
N ARG A 31 -23.40 -1.85 -6.83
CA ARG A 31 -23.83 -2.39 -8.12
C ARG A 31 -24.26 -1.22 -8.99
N TYR A 32 -23.54 -1.01 -10.10
CA TYR A 32 -23.93 0.02 -11.05
C TYR A 32 -25.08 -0.55 -11.89
N ASP A 33 -26.29 -0.10 -11.60
CA ASP A 33 -27.51 -0.71 -12.12
C ASP A 33 -28.34 0.35 -12.85
N PRO A 34 -27.90 0.76 -14.05
CA PRO A 34 -28.69 1.77 -14.79
C PRO A 34 -30.14 1.36 -15.01
N LEU A 35 -30.38 0.10 -15.32
CA LEU A 35 -31.72 -0.38 -15.62
C LEU A 35 -32.57 -0.57 -14.37
N GLY A 36 -31.96 -0.58 -13.18
CA GLY A 36 -32.70 -0.79 -11.96
C GLY A 36 -33.22 -2.20 -11.75
N ASP A 37 -32.99 -3.11 -12.70
CA ASP A 37 -33.44 -4.49 -12.58
C ASP A 37 -32.43 -5.37 -11.86
N ASN A 38 -31.42 -4.78 -11.21
CA ASN A 38 -30.46 -5.52 -10.40
C ASN A 38 -29.59 -6.47 -11.23
N THR A 39 -29.32 -6.10 -12.48
CA THR A 39 -28.48 -6.90 -13.36
C THR A 39 -27.10 -6.28 -13.59
N GLY A 40 -26.86 -5.08 -13.10
CA GLY A 40 -25.62 -4.39 -13.38
C GLY A 40 -24.41 -5.02 -12.71
N ALA A 41 -23.25 -4.48 -13.05
CA ALA A 41 -21.98 -5.01 -12.58
C ALA A 41 -21.60 -4.38 -11.25
N LEU A 42 -20.86 -5.15 -10.44
CA LEU A 42 -20.33 -4.64 -9.18
C LEU A 42 -19.12 -3.76 -9.46
N VAL A 43 -19.01 -2.68 -8.69
CA VAL A 43 -17.88 -1.76 -8.79
C VAL A 43 -17.49 -1.31 -7.38
N ALA A 44 -16.22 -0.98 -7.22
CA ALA A 44 -15.74 -0.37 -5.99
C ALA A 44 -15.74 1.14 -6.17
N VAL A 45 -16.31 1.85 -5.20
CA VAL A 45 -16.50 3.30 -5.29
C VAL A 45 -15.84 3.94 -4.08
N LYS A 46 -14.87 4.81 -4.33
CA LYS A 46 -14.16 5.53 -3.28
C LYS A 46 -14.68 6.95 -3.17
N GLN A 47 -14.80 7.43 -1.93
CA GLN A 47 -15.26 8.79 -1.68
C GLN A 47 -14.59 9.29 -0.41
N LEU A 48 -14.65 10.61 -0.22
CA LEU A 48 -14.10 11.24 0.97
C LEU A 48 -15.15 11.28 2.08
N GLN A 49 -14.66 11.38 3.31
CA GLN A 49 -15.52 11.53 4.48
C GLN A 49 -14.81 12.40 5.49
N HIS A 50 -15.52 13.39 6.03
CA HIS A 50 -14.94 14.36 6.96
C HIS A 50 -13.71 15.02 6.34
N SER A 51 -13.93 15.63 5.17
CA SER A 51 -12.86 16.18 4.36
C SER A 51 -13.18 17.61 3.96
N GLY A 52 -12.16 18.46 3.97
CA GLY A 52 -12.30 19.84 3.55
C GLY A 52 -11.74 20.07 2.17
N PRO A 53 -11.63 21.34 1.77
CA PRO A 53 -11.14 21.63 0.41
C PRO A 53 -9.77 21.03 0.12
N ASP A 54 -8.88 21.02 1.11
CA ASP A 54 -7.54 20.45 0.90
C ASP A 54 -7.63 19.00 0.48
N GLN A 55 -8.42 18.20 1.20
CA GLN A 55 -8.55 16.79 0.86
C GLN A 55 -9.31 16.59 -0.45
N GLN A 56 -10.26 17.46 -0.76
CA GLN A 56 -10.98 17.35 -2.02
C GLN A 56 -10.04 17.54 -3.21
N ARG A 57 -9.20 18.56 -3.15
CA ARG A 57 -8.22 18.76 -4.21
C ARG A 57 -7.25 17.60 -4.31
N ASP A 58 -6.85 17.04 -3.16
CA ASP A 58 -5.99 15.85 -3.19
C ASP A 58 -6.70 14.68 -3.84
N PHE A 59 -7.99 14.49 -3.54
CA PHE A 59 -8.72 13.36 -4.11
C PHE A 59 -8.84 13.49 -5.62
N GLN A 60 -8.97 14.72 -6.13
CA GLN A 60 -9.00 14.91 -7.57
C GLN A 60 -7.68 14.50 -8.21
N ARG A 61 -6.56 14.77 -7.53
CA ARG A 61 -5.27 14.33 -8.05
C ARG A 61 -5.12 12.81 -7.97
N GLU A 62 -5.61 12.22 -6.88
CA GLU A 62 -5.60 10.76 -6.78
C GLU A 62 -6.32 10.13 -7.96
N ILE A 63 -7.47 10.67 -8.33
CA ILE A 63 -8.22 10.15 -9.47
C ILE A 63 -7.40 10.26 -10.74
N GLN A 64 -6.81 11.43 -10.97
CA GLN A 64 -6.02 11.62 -12.19
C GLN A 64 -4.81 10.70 -12.24
N ILE A 65 -4.20 10.44 -11.08
CA ILE A 65 -3.09 9.49 -11.04
C ILE A 65 -3.57 8.10 -11.46
N LEU A 66 -4.57 7.58 -10.74
CA LEU A 66 -5.03 6.22 -11.02
C LEU A 66 -5.56 6.10 -12.44
N LYS A 67 -6.24 7.13 -12.93
CA LYS A 67 -6.74 7.11 -14.30
C LYS A 67 -5.60 6.91 -15.30
N ALA A 68 -4.44 7.50 -15.02
CA ALA A 68 -3.32 7.45 -15.94
C ALA A 68 -2.51 6.16 -15.84
N LEU A 69 -2.69 5.37 -14.79
CA LEU A 69 -1.92 4.15 -14.60
C LEU A 69 -2.54 2.99 -15.35
N HIS A 70 -1.70 2.21 -16.02
CA HIS A 70 -2.15 1.07 -16.81
C HIS A 70 -1.16 -0.07 -16.58
N SER A 71 -1.51 -0.97 -15.66
CA SER A 71 -0.64 -2.09 -15.31
C SER A 71 -1.50 -3.25 -14.83
N ASP A 72 -1.09 -4.46 -15.20
CA ASP A 72 -1.77 -5.65 -14.69
C ASP A 72 -1.68 -5.74 -13.17
N PHE A 73 -0.78 -4.99 -12.55
CA PHE A 73 -0.57 -5.04 -11.11
C PHE A 73 -1.03 -3.76 -10.42
N ILE A 74 -1.90 -2.99 -11.08
N ILE A 74 -1.91 -3.00 -11.06
CA ILE A 74 -2.53 -1.80 -10.52
CA ILE A 74 -2.52 -1.82 -10.45
C ILE A 74 -4.03 -1.95 -10.71
C ILE A 74 -4.01 -1.85 -10.72
N VAL A 75 -4.80 -1.65 -9.67
CA VAL A 75 -6.25 -1.77 -9.77
C VAL A 75 -6.75 -0.87 -10.89
N LYS A 76 -7.76 -1.34 -11.62
CA LYS A 76 -8.23 -0.66 -12.81
C LYS A 76 -9.16 0.50 -12.44
N TYR A 77 -8.84 1.68 -12.95
CA TYR A 77 -9.76 2.81 -12.92
C TYR A 77 -10.88 2.57 -13.94
N ARG A 78 -12.12 2.82 -13.51
N ARG A 78 -12.12 2.82 -13.51
CA ARG A 78 -13.27 2.71 -14.39
CA ARG A 78 -13.29 2.70 -14.36
C ARG A 78 -13.89 4.05 -14.74
C ARG A 78 -13.91 4.03 -14.73
N GLY A 79 -13.95 4.98 -13.79
CA GLY A 79 -14.53 6.28 -14.07
C GLY A 79 -14.75 7.05 -12.79
N VAL A 80 -15.60 8.09 -12.89
CA VAL A 80 -15.95 8.91 -11.75
C VAL A 80 -17.46 9.09 -11.73
N SER A 81 -17.96 9.45 -10.55
CA SER A 81 -19.37 9.78 -10.37
C SER A 81 -19.46 11.09 -9.60
N TYR A 82 -20.18 12.05 -10.16
CA TYR A 82 -20.39 13.35 -9.53
C TYR A 82 -21.71 13.32 -8.78
N GLY A 83 -21.67 13.58 -7.48
CA GLY A 83 -22.87 13.65 -6.67
C GLY A 83 -23.72 14.84 -7.08
N PRO A 84 -24.90 14.96 -6.49
CA PRO A 84 -25.77 16.10 -6.79
C PRO A 84 -25.02 17.42 -6.62
N GLY A 85 -25.10 18.26 -7.65
CA GLY A 85 -24.40 19.54 -7.63
C GLY A 85 -22.92 19.47 -7.87
N ARG A 86 -22.40 18.31 -8.27
CA ARG A 86 -20.95 18.14 -8.47
C ARG A 86 -20.17 18.53 -7.23
N GLN A 87 -20.67 18.07 -6.07
CA GLN A 87 -20.07 18.43 -4.79
C GLN A 87 -19.41 17.26 -4.07
N SER A 88 -19.79 16.02 -4.37
CA SER A 88 -19.23 14.83 -3.74
C SER A 88 -18.67 13.94 -4.85
N LEU A 89 -17.43 14.18 -5.21
CA LEU A 89 -16.78 13.39 -6.25
C LEU A 89 -16.53 11.97 -5.76
N ARG A 90 -16.72 11.00 -6.66
CA ARG A 90 -16.52 9.60 -6.35
C ARG A 90 -15.67 8.94 -7.42
N LEU A 91 -14.77 8.05 -6.99
CA LEU A 91 -13.87 7.31 -7.87
C LEU A 91 -14.39 5.90 -8.02
N VAL A 92 -14.63 5.48 -9.26
CA VAL A 92 -15.19 4.16 -9.55
C VAL A 92 -14.07 3.26 -10.06
N MET A 93 -13.91 2.10 -9.44
CA MET A 93 -12.84 1.16 -9.78
C MET A 93 -13.43 -0.23 -9.96
N GLU A 94 -12.67 -1.09 -10.62
CA GLU A 94 -13.02 -2.50 -10.69
C GLU A 94 -13.12 -3.08 -9.28
N TYR A 95 -14.03 -4.02 -9.11
CA TYR A 95 -14.22 -4.69 -7.83
C TYR A 95 -13.54 -6.05 -7.89
N LEU A 96 -12.60 -6.28 -6.97
CA LEU A 96 -11.92 -7.56 -6.87
C LEU A 96 -12.49 -8.31 -5.67
N PRO A 97 -13.39 -9.28 -5.87
CA PRO A 97 -14.13 -9.83 -4.72
C PRO A 97 -13.26 -10.54 -3.69
N SER A 98 -12.08 -11.04 -4.07
CA SER A 98 -11.24 -11.73 -3.10
C SER A 98 -10.71 -10.80 -2.01
N GLY A 99 -10.82 -9.49 -2.19
CA GLY A 99 -10.47 -8.57 -1.13
C GLY A 99 -8.99 -8.27 -1.04
N CYS A 100 -8.61 -7.61 0.05
CA CYS A 100 -7.24 -7.16 0.19
C CYS A 100 -6.34 -8.31 0.67
N LEU A 101 -5.05 -8.18 0.35
CA LEU A 101 -4.11 -9.26 0.59
C LEU A 101 -3.95 -9.53 2.08
N ARG A 102 -4.01 -8.48 2.91
CA ARG A 102 -3.90 -8.68 4.36
C ARG A 102 -4.94 -9.68 4.85
N ASP A 103 -6.21 -9.43 4.54
CA ASP A 103 -7.27 -10.35 4.95
C ASP A 103 -7.05 -11.72 4.34
N PHE A 104 -6.67 -11.77 3.06
CA PHE A 104 -6.48 -13.04 2.37
C PHE A 104 -5.42 -13.89 3.05
N LEU A 105 -4.30 -13.28 3.44
CA LEU A 105 -3.25 -14.04 4.11
C LEU A 105 -3.72 -14.56 5.46
N GLN A 106 -4.43 -13.73 6.22
CA GLN A 106 -4.92 -14.16 7.53
C GLN A 106 -5.92 -15.30 7.44
N ARG A 107 -6.58 -15.47 6.29
CA ARG A 107 -7.58 -16.52 6.13
C ARG A 107 -7.01 -17.81 5.55
N HIS A 108 -5.98 -17.73 4.71
CA HIS A 108 -5.56 -18.87 3.90
C HIS A 108 -4.10 -19.26 4.12
N ARG A 109 -3.56 -18.95 5.30
CA ARG A 109 -2.16 -19.29 5.57
C ARG A 109 -1.87 -20.76 5.26
N ALA A 110 -2.79 -21.66 5.64
CA ALA A 110 -2.51 -23.09 5.55
C ALA A 110 -2.19 -23.50 4.12
N ARG A 111 -2.90 -22.93 3.13
CA ARG A 111 -2.77 -23.35 1.75
C ARG A 111 -1.89 -22.43 0.92
N LEU A 112 -1.13 -21.55 1.55
CA LEU A 112 -0.16 -20.69 0.87
C LEU A 112 1.25 -21.05 1.33
N ASP A 113 2.16 -21.15 0.38
CA ASP A 113 3.55 -21.50 0.66
C ASP A 113 4.46 -20.36 0.23
N ALA A 114 5.77 -20.56 0.45
CA ALA A 114 6.73 -19.51 0.16
C ALA A 114 6.72 -19.12 -1.31
N SER A 115 6.57 -20.10 -2.20
CA SER A 115 6.57 -19.79 -3.63
C SER A 115 5.42 -18.85 -3.98
N ARG A 116 4.24 -19.08 -3.42
CA ARG A 116 3.10 -18.20 -3.68
C ARG A 116 3.36 -16.81 -3.13
N LEU A 117 3.91 -16.73 -1.91
CA LEU A 117 4.22 -15.41 -1.34
C LEU A 117 5.26 -14.68 -2.18
N LEU A 118 6.25 -15.41 -2.71
CA LEU A 118 7.24 -14.79 -3.57
C LEU A 118 6.61 -14.31 -4.87
N LEU A 119 5.62 -15.05 -5.39
CA LEU A 119 4.90 -14.59 -6.57
C LEU A 119 4.22 -13.25 -6.29
N TYR A 120 3.47 -13.17 -5.18
CA TYR A 120 2.85 -11.89 -4.81
C TYR A 120 3.90 -10.79 -4.69
N SER A 121 5.01 -11.09 -4.01
N SER A 121 5.01 -11.08 -4.01
CA SER A 121 6.07 -10.10 -3.85
CA SER A 121 6.06 -10.08 -3.86
C SER A 121 6.57 -9.64 -5.22
C SER A 121 6.59 -9.62 -5.22
N SER A 122 6.76 -10.57 -6.15
CA SER A 122 7.22 -10.22 -7.49
C SER A 122 6.22 -9.29 -8.18
N GLN A 123 4.93 -9.58 -8.07
CA GLN A 123 3.92 -8.77 -8.74
C GLN A 123 3.82 -7.38 -8.11
N ILE A 124 3.82 -7.31 -6.79
CA ILE A 124 3.87 -6.01 -6.12
C ILE A 124 5.10 -5.23 -6.60
N CYS A 125 6.25 -5.91 -6.66
CA CYS A 125 7.47 -5.24 -7.10
C CYS A 125 7.32 -4.69 -8.52
N LYS A 126 6.75 -5.48 -9.43
CA LYS A 126 6.57 -5.01 -10.79
C LYS A 126 5.59 -3.85 -10.84
N GLY A 127 4.52 -3.91 -10.06
CA GLY A 127 3.63 -2.77 -9.93
C GLY A 127 4.38 -1.52 -9.48
N MET A 128 5.27 -1.68 -8.49
CA MET A 128 6.01 -0.53 -7.98
C MET A 128 7.03 -0.03 -8.98
N GLU A 129 7.65 -0.95 -9.74
CA GLU A 129 8.55 -0.51 -10.80
C GLU A 129 7.80 0.34 -11.82
N TYR A 130 6.58 -0.08 -12.18
CA TYR A 130 5.77 0.72 -13.09
C TYR A 130 5.45 2.09 -12.49
N LEU A 131 5.03 2.11 -11.23
CA LEU A 131 4.77 3.39 -10.58
C LEU A 131 5.98 4.30 -10.63
N GLY A 132 7.17 3.74 -10.34
CA GLY A 132 8.38 4.54 -10.42
C GLY A 132 8.61 5.12 -11.80
N SER A 133 8.33 4.32 -12.84
CA SER A 133 8.50 4.81 -14.20
C SER A 133 7.55 5.96 -14.51
N ARG A 134 6.43 6.06 -13.79
CA ARG A 134 5.52 7.20 -13.90
C ARG A 134 5.87 8.31 -12.92
N ARG A 135 7.01 8.20 -12.24
CA ARG A 135 7.45 9.20 -11.26
C ARG A 135 6.40 9.39 -10.17
N CYS A 136 5.80 8.29 -9.73
CA CYS A 136 4.78 8.29 -8.70
C CYS A 136 5.32 7.59 -7.46
N VAL A 137 5.19 8.25 -6.31
CA VAL A 137 5.55 7.68 -5.02
C VAL A 137 4.26 7.28 -4.31
N HIS A 138 4.20 6.03 -3.83
CA HIS A 138 2.95 5.50 -3.31
C HIS A 138 2.69 6.02 -1.89
N ARG A 139 3.69 5.97 -1.02
CA ARG A 139 3.66 6.52 0.34
C ARG A 139 2.77 5.73 1.30
N ASP A 140 2.16 4.63 0.87
CA ASP A 140 1.31 3.85 1.76
C ASP A 140 1.37 2.37 1.37
N LEU A 141 2.54 1.92 0.94
CA LEU A 141 2.68 0.55 0.46
C LEU A 141 2.59 -0.41 1.64
N ALA A 142 1.51 -1.19 1.69
CA ALA A 142 1.27 -2.12 2.79
C ALA A 142 0.29 -3.18 2.29
N ALA A 143 0.32 -4.33 2.97
CA ALA A 143 -0.51 -5.45 2.52
C ALA A 143 -1.98 -5.09 2.50
N ARG A 144 -2.42 -4.21 3.39
CA ARG A 144 -3.81 -3.80 3.42
C ARG A 144 -4.24 -3.03 2.18
N ASN A 145 -3.28 -2.53 1.40
CA ASN A 145 -3.57 -1.77 0.18
C ASN A 145 -3.32 -2.60 -1.07
N ILE A 146 -3.15 -3.91 -0.94
N ILE A 146 -3.16 -3.91 -0.95
CA ILE A 146 -2.98 -4.82 -2.07
CA ILE A 146 -2.96 -4.81 -2.08
C ILE A 146 -4.24 -5.66 -2.18
C ILE A 146 -4.20 -5.70 -2.19
N LEU A 147 -4.72 -5.84 -3.40
CA LEU A 147 -5.90 -6.64 -3.67
C LEU A 147 -5.52 -7.94 -4.35
N VAL A 148 -6.33 -8.97 -4.11
CA VAL A 148 -6.16 -10.28 -4.72
C VAL A 148 -7.11 -10.34 -5.91
N GLU A 149 -6.55 -10.36 -7.12
CA GLU A 149 -7.38 -10.56 -8.30
C GLU A 149 -7.71 -12.04 -8.48
N SER A 150 -6.76 -12.92 -8.21
CA SER A 150 -6.98 -14.35 -8.20
C SER A 150 -5.93 -14.98 -7.29
N GLU A 151 -5.97 -16.31 -7.19
CA GLU A 151 -5.04 -17.01 -6.32
C GLU A 151 -3.59 -16.69 -6.65
N ALA A 152 -3.31 -16.32 -7.91
CA ALA A 152 -1.94 -16.10 -8.37
C ALA A 152 -1.77 -14.72 -9.00
N HIS A 153 -2.52 -13.73 -8.53
CA HIS A 153 -2.45 -12.39 -9.12
C HIS A 153 -2.91 -11.37 -8.11
N VAL A 154 -2.04 -10.42 -7.76
CA VAL A 154 -2.37 -9.34 -6.85
C VAL A 154 -2.15 -8.01 -7.56
N LYS A 155 -2.77 -6.96 -7.02
CA LYS A 155 -2.69 -5.61 -7.58
C LYS A 155 -2.55 -4.59 -6.45
N ILE A 156 -1.72 -3.59 -6.68
CA ILE A 156 -1.70 -2.40 -5.82
C ILE A 156 -2.98 -1.62 -6.07
N ALA A 157 -3.70 -1.28 -4.99
CA ALA A 157 -5.09 -0.91 -5.17
C ALA A 157 -5.58 0.26 -4.31
N ASP A 158 -4.71 1.03 -3.69
CA ASP A 158 -5.13 2.27 -3.04
C ASP A 158 -4.05 3.32 -3.20
N PHE A 159 -4.46 4.53 -3.56
CA PHE A 159 -3.53 5.61 -3.87
C PHE A 159 -3.91 6.90 -3.13
N GLY A 160 -4.47 6.76 -1.93
CA GLY A 160 -4.92 7.94 -1.20
C GLY A 160 -3.79 8.86 -0.79
N LEU A 161 -2.58 8.31 -0.61
CA LEU A 161 -1.42 9.10 -0.22
C LEU A 161 -0.43 9.29 -1.36
N ALA A 162 -0.71 8.75 -2.55
CA ALA A 162 0.25 8.78 -3.64
C ALA A 162 0.49 10.21 -4.11
N LYS A 163 1.72 10.47 -4.54
CA LYS A 163 2.12 11.78 -5.05
C LYS A 163 2.93 11.58 -6.33
N LEU A 164 2.84 12.55 -7.22
CA LEU A 164 3.72 12.63 -8.38
C LEU A 164 4.95 13.44 -8.01
N LEU A 165 6.13 12.91 -8.34
CA LEU A 165 7.35 13.66 -8.09
C LEU A 165 7.37 14.92 -8.95
N PRO A 166 7.99 15.99 -8.46
CA PRO A 166 8.24 17.14 -9.33
C PRO A 166 9.22 16.76 -10.43
N LEU A 167 9.21 17.55 -11.51
CA LEU A 167 10.08 17.27 -12.64
C LEU A 167 11.55 17.53 -12.31
N ASP A 168 11.84 18.34 -11.30
CA ASP A 168 13.21 18.72 -10.99
C ASP A 168 13.81 17.96 -9.82
N LYS A 169 13.06 17.04 -9.20
CA LYS A 169 13.55 16.33 -8.03
C LYS A 169 13.00 14.91 -8.02
N ASP A 170 13.75 14.00 -7.41
CA ASP A 170 13.35 12.60 -7.31
C ASP A 170 12.77 12.29 -5.93
N PTR A 171 12.57 13.33 -5.14
CA PTR A 171 11.97 13.19 -3.82
C PTR A 171 10.90 14.26 -3.64
O PTR A 171 10.82 15.20 -4.43
CB PTR A 171 13.02 13.31 -2.71
CG PTR A 171 13.65 14.67 -2.61
CD1 PTR A 171 13.08 15.66 -1.82
CD2 PTR A 171 14.79 14.99 -3.32
CE1 PTR A 171 13.64 16.91 -1.72
CE2 PTR A 171 15.36 16.25 -3.24
CZ PTR A 171 14.78 17.20 -2.43
OH PTR A 171 15.31 18.38 -2.35
P PTR A 171 16.86 18.58 -1.98
O1P PTR A 171 17.02 19.78 -1.03
O2P PTR A 171 17.39 17.31 -1.30
O3P PTR A 171 17.61 18.84 -3.23
N PTR A 172 10.10 14.12 -2.60
CA PTR A 172 9.02 15.08 -2.34
C PTR A 172 8.71 15.15 -0.85
O PTR A 172 8.49 14.13 -0.20
CB PTR A 172 7.78 14.69 -3.14
CG PTR A 172 6.71 15.75 -3.20
CD1 PTR A 172 7.01 17.03 -3.65
CD2 PTR A 172 5.40 15.48 -2.82
CE1 PTR A 172 6.03 18.01 -3.71
CE2 PTR A 172 4.43 16.45 -2.87
CZ PTR A 172 4.75 17.71 -3.32
OH PTR A 172 3.83 18.64 -3.37
P PTR A 172 2.39 18.35 -4.01
O1P PTR A 172 1.44 18.06 -2.91
O2P PTR A 172 2.47 17.13 -4.97
O3P PTR A 172 1.91 19.58 -4.79
N VAL A 173 8.73 16.37 -0.31
CA VAL A 173 8.41 16.59 1.09
C VAL A 173 6.90 16.75 1.25
N VAL A 174 6.31 15.96 2.14
CA VAL A 174 4.87 15.94 2.34
C VAL A 174 4.60 16.04 3.84
N ARG A 175 3.89 17.09 4.25
CA ARG A 175 3.41 17.25 5.62
C ARG A 175 1.92 17.56 5.54
N GLU A 176 1.10 16.61 5.98
CA GLU A 176 -0.33 16.65 5.78
C GLU A 176 -1.05 16.13 7.01
N PRO A 177 -2.32 16.49 7.19
CA PRO A 177 -3.08 15.95 8.33
C PRO A 177 -3.25 14.43 8.21
N GLY A 178 -3.54 13.82 9.35
CA GLY A 178 -3.79 12.39 9.41
C GLY A 178 -2.65 11.64 10.08
N GLN A 179 -2.96 10.41 10.48
CA GLN A 179 -1.97 9.54 11.12
C GLN A 179 -1.15 8.85 10.05
N SER A 180 0.17 8.98 10.15
CA SER A 180 1.06 8.32 9.21
C SER A 180 1.26 6.85 9.60
N PRO A 181 1.41 5.95 8.62
CA PRO A 181 1.77 4.55 8.95
C PRO A 181 3.26 4.43 9.27
N ILE A 182 3.62 4.97 10.43
CA ILE A 182 5.04 5.17 10.75
C ILE A 182 5.81 3.86 10.74
N PHE A 183 5.14 2.74 11.01
CA PHE A 183 5.84 1.47 11.09
C PHE A 183 6.13 0.86 9.71
N TRP A 184 5.69 1.52 8.64
CA TRP A 184 6.08 1.19 7.28
C TRP A 184 7.02 2.21 6.67
N TYR A 185 7.36 3.28 7.39
CA TYR A 185 8.03 4.43 6.82
C TYR A 185 9.53 4.38 7.04
N ALA A 186 10.27 4.83 6.02
CA ALA A 186 11.72 4.90 6.10
C ALA A 186 12.13 6.03 7.05
N PRO A 187 13.35 5.97 7.59
CA PRO A 187 13.79 7.02 8.52
C PRO A 187 13.66 8.43 7.97
N GLU A 188 14.01 8.64 6.70
CA GLU A 188 13.92 9.99 6.15
C GLU A 188 12.47 10.45 6.02
N SER A 189 11.52 9.51 5.86
CA SER A 189 10.12 9.88 5.87
C SER A 189 9.66 10.22 7.28
N LEU A 190 10.13 9.46 8.27
CA LEU A 190 9.74 9.70 9.65
C LEU A 190 10.25 11.04 10.15
N SER A 191 11.49 11.39 9.83
CA SER A 191 12.14 12.57 10.41
C SER A 191 12.00 13.80 9.52
N ASP A 192 12.32 13.68 8.24
CA ASP A 192 12.33 14.81 7.33
C ASP A 192 11.08 14.88 6.45
N ASN A 193 10.17 13.91 6.58
CA ASN A 193 8.95 13.89 5.78
C ASN A 193 9.27 13.82 4.29
N ILE A 194 10.41 13.21 3.96
CA ILE A 194 10.84 13.05 2.58
C ILE A 194 10.29 11.73 2.06
N PHE A 195 9.75 11.76 0.85
CA PHE A 195 9.22 10.56 0.20
C PHE A 195 9.80 10.44 -1.20
N SER A 196 10.14 9.22 -1.57
CA SER A 196 10.76 8.95 -2.86
C SER A 196 10.47 7.52 -3.25
N ARG A 197 10.84 7.18 -4.48
CA ARG A 197 10.75 5.78 -4.89
C ARG A 197 11.59 4.89 -3.99
N GLN A 198 12.64 5.43 -3.37
N GLN A 198 12.65 5.44 -3.40
CA GLN A 198 13.48 4.61 -2.50
CA GLN A 198 13.49 4.68 -2.49
C GLN A 198 12.92 4.53 -1.08
C GLN A 198 12.80 4.46 -1.15
N SER A 199 12.05 5.46 -0.67
CA SER A 199 11.32 5.28 0.58
C SER A 199 10.21 4.24 0.39
N ASP A 200 9.64 4.16 -0.81
CA ASP A 200 8.72 3.07 -1.12
C ASP A 200 9.43 1.73 -1.01
N VAL A 201 10.70 1.65 -1.41
CA VAL A 201 11.44 0.40 -1.31
C VAL A 201 11.52 -0.06 0.14
N TRP A 202 11.74 0.89 1.05
CA TRP A 202 11.71 0.56 2.48
C TRP A 202 10.38 -0.07 2.84
N SER A 203 9.28 0.57 2.45
CA SER A 203 7.96 0.02 2.75
C SER A 203 7.78 -1.35 2.12
N PHE A 204 8.32 -1.56 0.92
CA PHE A 204 8.22 -2.86 0.28
C PHE A 204 8.88 -3.93 1.13
N GLY A 205 10.01 -3.60 1.76
CA GLY A 205 10.62 -4.53 2.70
C GLY A 205 9.68 -4.91 3.82
N VAL A 206 8.92 -3.94 4.32
CA VAL A 206 7.93 -4.26 5.34
C VAL A 206 6.82 -5.13 4.77
N VAL A 207 6.43 -4.89 3.51
CA VAL A 207 5.44 -5.74 2.87
C VAL A 207 5.95 -7.17 2.79
N LEU A 208 7.21 -7.35 2.44
CA LEU A 208 7.80 -8.69 2.46
C LEU A 208 7.66 -9.33 3.83
N TYR A 209 7.92 -8.56 4.89
CA TYR A 209 7.74 -9.07 6.24
C TYR A 209 6.28 -9.45 6.49
N GLU A 210 5.35 -8.61 6.05
CA GLU A 210 3.94 -8.91 6.22
C GLU A 210 3.56 -10.22 5.55
N LEU A 211 3.99 -10.40 4.30
N LEU A 211 3.95 -10.38 4.28
CA LEU A 211 3.60 -11.60 3.56
CA LEU A 211 3.65 -11.60 3.54
C LEU A 211 4.08 -12.87 4.26
C LEU A 211 4.07 -12.83 4.31
N PHE A 212 5.34 -12.89 4.70
CA PHE A 212 5.90 -14.08 5.32
C PHE A 212 5.58 -14.20 6.80
N THR A 213 4.85 -13.25 7.37
CA THR A 213 4.15 -13.46 8.63
C THR A 213 2.66 -13.70 8.42
N TYR A 214 2.21 -13.76 7.17
CA TYR A 214 0.79 -13.91 6.85
C TYR A 214 -0.03 -12.84 7.55
N CYS A 215 0.55 -11.65 7.69
CA CYS A 215 -0.09 -10.51 8.35
C CYS A 215 -0.65 -10.88 9.72
N ASP A 216 0.05 -11.78 10.41
CA ASP A 216 -0.32 -12.11 11.77
C ASP A 216 -0.24 -10.87 12.64
N LYS A 217 -1.32 -10.56 13.36
CA LYS A 217 -1.36 -9.34 14.14
C LYS A 217 -0.42 -9.39 15.34
N SER A 218 -0.14 -10.59 15.85
N SER A 218 -0.14 -10.59 15.85
N SER A 218 -0.13 -10.60 15.85
CA SER A 218 0.72 -10.70 17.03
CA SER A 218 0.73 -10.70 17.02
CA SER A 218 0.72 -10.71 17.02
C SER A 218 2.17 -10.31 16.72
C SER A 218 2.16 -10.26 16.71
C SER A 218 2.15 -10.28 16.72
N CYS A 219 2.60 -10.41 15.46
CA CYS A 219 3.95 -10.03 15.06
C CYS A 219 3.92 -9.03 13.92
N SER A 220 2.86 -8.24 13.83
CA SER A 220 2.78 -7.19 12.83
C SER A 220 3.89 -6.17 13.05
N PRO A 221 4.16 -5.32 12.04
CA PRO A 221 5.18 -4.28 12.24
C PRO A 221 4.93 -3.41 13.46
N SER A 222 3.68 -3.00 13.70
CA SER A 222 3.39 -2.17 14.86
C SER A 222 3.64 -2.93 16.16
N ALA A 223 3.13 -4.16 16.25
CA ALA A 223 3.34 -4.96 17.45
C ALA A 223 4.83 -5.17 17.71
N GLU A 224 5.58 -5.53 16.67
CA GLU A 224 7.01 -5.78 16.84
C GLU A 224 7.74 -4.52 17.26
N PHE A 225 7.60 -3.44 16.49
CA PHE A 225 8.31 -2.20 16.82
C PHE A 225 7.90 -1.67 18.18
N LEU A 226 6.62 -1.77 18.53
CA LEU A 226 6.17 -1.27 19.83
C LEU A 226 6.83 -2.04 20.97
N ARG A 227 7.05 -3.35 20.79
CA ARG A 227 7.79 -4.10 21.80
C ARG A 227 9.23 -3.60 21.91
N MET A 228 9.88 -3.39 20.76
CA MET A 228 11.24 -2.89 20.78
C MET A 228 11.31 -1.48 21.36
N MET A 229 10.32 -0.66 21.05
CA MET A 229 10.34 0.73 21.49
C MET A 229 10.21 0.85 23.00
N GLY A 230 9.36 0.02 23.61
CA GLY A 230 9.05 0.24 25.01
C GLY A 230 8.25 1.51 25.17
N CYS A 231 8.37 2.12 26.34
CA CYS A 231 7.66 3.36 26.63
C CYS A 231 8.41 4.15 27.69
N GLU A 232 8.89 5.33 27.31
N GLU A 232 8.85 5.35 27.32
CA GLU A 232 9.67 6.19 28.20
CA GLU A 232 9.42 6.30 28.26
C GLU A 232 8.99 7.55 28.30
C GLU A 232 8.61 7.58 28.22
N ARG A 233 8.98 8.10 29.51
N ARG A 233 8.47 8.24 29.38
CA ARG A 233 8.39 9.42 29.71
CA ARG A 233 7.57 9.38 29.50
C ARG A 233 9.21 10.48 28.99
C ARG A 233 7.95 10.49 28.53
N ASP A 234 8.53 11.36 28.26
N ASP A 234 9.17 11.01 28.64
CA ASP A 234 9.15 12.44 27.50
CA ASP A 234 9.61 12.16 27.85
C ASP A 234 10.03 11.92 26.36
C ASP A 234 10.26 11.76 26.54
N VAL A 235 9.77 10.70 25.90
CA VAL A 235 10.35 10.20 24.66
C VAL A 235 9.20 9.78 23.76
N PRO A 236 8.71 10.64 22.87
CA PRO A 236 7.58 10.28 22.02
C PRO A 236 7.85 9.01 21.23
N ALA A 237 6.77 8.38 20.78
CA ALA A 237 6.89 7.12 20.05
C ALA A 237 7.72 7.30 18.79
N LEU A 238 7.52 8.40 18.06
CA LEU A 238 8.26 8.61 16.83
C LEU A 238 9.75 8.70 17.08
N CYS A 239 10.15 9.35 18.18
CA CYS A 239 11.57 9.46 18.50
C CYS A 239 12.18 8.11 18.82
N ARG A 240 11.51 7.33 19.68
CA ARG A 240 12.01 6.00 20.01
C ARG A 240 12.13 5.13 18.77
N LEU A 241 11.17 5.25 17.85
CA LEU A 241 11.25 4.49 16.60
C LEU A 241 12.46 4.91 15.78
N LEU A 242 12.63 6.22 15.59
CA LEU A 242 13.82 6.70 14.90
C LEU A 242 15.09 6.23 15.59
N GLU A 243 15.09 6.23 16.92
CA GLU A 243 16.28 5.83 17.66
C GLU A 243 16.62 4.37 17.41
N LEU A 244 15.64 3.48 17.54
N LEU A 244 15.63 3.48 17.48
CA LEU A 244 15.87 2.06 17.28
CA LEU A 244 15.91 2.06 17.31
C LEU A 244 16.39 1.84 15.88
C LEU A 244 16.31 1.74 15.87
N LEU A 245 15.74 2.45 14.89
CA LEU A 245 16.15 2.24 13.51
C LEU A 245 17.58 2.74 13.28
N GLU A 246 17.92 3.91 13.85
CA GLU A 246 19.27 4.42 13.72
C GLU A 246 20.26 3.47 14.41
N GLU A 247 19.86 2.86 15.52
CA GLU A 247 20.71 1.88 16.19
C GLU A 247 20.91 0.62 15.38
N GLY A 248 20.16 0.44 14.29
CA GLY A 248 20.26 -0.74 13.47
C GLY A 248 19.21 -1.81 13.75
N GLN A 249 18.32 -1.58 14.70
CA GLN A 249 17.26 -2.55 14.98
C GLN A 249 16.30 -2.63 13.81
N ARG A 250 15.82 -3.84 13.54
CA ARG A 250 14.93 -4.09 12.42
C ARG A 250 13.90 -5.14 12.82
N LEU A 251 12.83 -5.21 12.05
CA LEU A 251 11.89 -6.30 12.21
C LEU A 251 12.63 -7.64 12.08
N PRO A 252 12.24 -8.66 12.83
CA PRO A 252 12.96 -9.92 12.80
C PRO A 252 12.61 -10.75 11.57
N ALA A 253 13.46 -11.73 11.31
CA ALA A 253 13.19 -12.69 10.24
C ALA A 253 11.97 -13.52 10.62
N PRO A 254 10.87 -13.47 9.87
CA PRO A 254 9.70 -14.28 10.22
C PRO A 254 10.07 -15.75 10.27
N PRO A 255 9.49 -16.52 11.19
CA PRO A 255 9.76 -17.96 11.22
C PRO A 255 9.45 -18.59 9.87
N ALA A 256 10.35 -19.48 9.43
CA ALA A 256 10.27 -20.21 8.17
C ALA A 256 10.50 -19.31 6.96
N CYS A 257 10.68 -18.00 7.15
CA CYS A 257 10.97 -17.12 6.03
C CYS A 257 12.29 -17.56 5.38
N PRO A 258 12.34 -17.69 4.05
CA PRO A 258 13.61 -18.08 3.42
C PRO A 258 14.69 -17.05 3.71
N ALA A 259 15.90 -17.56 3.98
CA ALA A 259 17.01 -16.66 4.31
C ALA A 259 17.22 -15.61 3.22
N GLU A 260 17.09 -16.01 1.95
CA GLU A 260 17.28 -15.06 0.87
C GLU A 260 16.27 -13.92 0.95
N VAL A 261 15.03 -14.23 1.33
CA VAL A 261 14.02 -13.18 1.42
C VAL A 261 14.33 -12.24 2.57
N HIS A 262 14.78 -12.78 3.72
CA HIS A 262 15.15 -11.92 4.83
C HIS A 262 16.31 -11.02 4.45
N GLU A 263 17.27 -11.53 3.67
N GLU A 263 17.26 -11.52 3.64
CA GLU A 263 18.36 -10.69 3.19
CA GLU A 263 18.36 -10.67 3.22
C GLU A 263 17.84 -9.53 2.36
C GLU A 263 17.87 -9.53 2.33
N LEU A 264 16.90 -9.80 1.46
CA LEU A 264 16.32 -8.73 0.65
C LEU A 264 15.65 -7.68 1.52
N MET A 265 14.85 -8.12 2.50
CA MET A 265 14.27 -7.18 3.44
C MET A 265 15.33 -6.25 4.02
N LYS A 266 16.40 -6.83 4.57
CA LYS A 266 17.43 -6.03 5.20
C LYS A 266 18.07 -5.06 4.20
N LEU A 267 18.19 -5.45 2.94
CA LEU A 267 18.71 -4.53 1.93
C LEU A 267 17.71 -3.41 1.66
N CYS A 268 16.42 -3.73 1.63
CA CYS A 268 15.41 -2.69 1.48
C CYS A 268 15.43 -1.72 2.65
N TRP A 269 15.89 -2.17 3.82
CA TRP A 269 15.93 -1.36 5.03
C TRP A 269 17.29 -0.71 5.25
N ALA A 270 18.04 -0.45 4.19
CA ALA A 270 19.29 0.28 4.35
C ALA A 270 19.01 1.65 4.94
N PRO A 271 19.86 2.16 5.84
CA PRO A 271 19.57 3.45 6.46
C PRO A 271 19.33 4.58 5.46
N SER A 272 20.20 4.71 4.46
CA SER A 272 20.06 5.81 3.50
C SER A 272 19.32 5.35 2.25
N PRO A 273 18.44 6.20 1.71
CA PRO A 273 17.64 5.77 0.55
C PRO A 273 18.46 5.35 -0.65
N GLN A 274 19.56 6.06 -0.94
CA GLN A 274 20.35 5.75 -2.13
C GLN A 274 21.04 4.40 -2.01
N ASP A 275 21.16 3.84 -0.82
CA ASP A 275 21.81 2.55 -0.61
C ASP A 275 20.84 1.38 -0.72
N ARG A 276 19.55 1.65 -0.88
CA ARG A 276 18.59 0.58 -1.04
C ARG A 276 18.52 0.15 -2.50
N PRO A 277 18.19 -1.11 -2.78
CA PRO A 277 18.04 -1.54 -4.17
C PRO A 277 16.83 -0.89 -4.80
N SER A 278 16.89 -0.75 -6.13
CA SER A 278 15.74 -0.28 -6.87
C SER A 278 14.74 -1.41 -7.06
N PHE A 279 13.49 -1.04 -7.36
CA PHE A 279 12.51 -2.06 -7.70
C PHE A 279 12.93 -2.82 -8.95
N SER A 280 13.61 -2.16 -9.88
N SER A 280 13.60 -2.15 -9.89
CA SER A 280 14.06 -2.84 -11.09
CA SER A 280 14.06 -2.84 -11.09
C SER A 280 15.07 -3.93 -10.77
C SER A 280 15.06 -3.94 -10.76
N ALA A 281 15.85 -3.76 -9.71
CA ALA A 281 16.83 -4.75 -9.31
C ALA A 281 16.22 -5.82 -8.40
N LEU A 282 15.21 -5.47 -7.61
CA LEU A 282 14.55 -6.46 -6.76
C LEU A 282 13.77 -7.47 -7.60
N GLY A 283 13.12 -7.01 -8.67
CA GLY A 283 12.24 -7.85 -9.45
C GLY A 283 12.88 -9.14 -9.90
N PRO A 284 13.98 -9.03 -10.66
CA PRO A 284 14.66 -10.25 -11.13
C PRO A 284 15.05 -11.18 -10.01
N GLN A 285 15.47 -10.65 -8.85
CA GLN A 285 15.84 -11.51 -7.74
C GLN A 285 14.63 -12.24 -7.17
N LEU A 286 13.50 -11.55 -7.04
CA LEU A 286 12.28 -12.20 -6.58
C LEU A 286 11.82 -13.27 -7.57
N ASP A 287 11.91 -12.97 -8.87
CA ASP A 287 11.56 -13.97 -9.89
C ASP A 287 12.47 -15.18 -9.78
N MET A 288 13.76 -14.96 -9.56
CA MET A 288 14.68 -16.09 -9.38
C MET A 288 14.29 -16.93 -8.18
N LEU A 289 14.00 -16.28 -7.05
CA LEU A 289 13.61 -17.02 -5.85
C LEU A 289 12.32 -17.79 -6.07
N TRP A 290 11.32 -17.14 -6.70
CA TRP A 290 10.08 -17.84 -7.00
C TRP A 290 10.31 -19.01 -7.95
N SER A 291 11.31 -18.91 -8.82
CA SER A 291 11.66 -20.02 -9.71
C SER A 291 12.40 -21.13 -9.00
N GLY A 292 12.96 -20.86 -7.82
CA GLY A 292 13.76 -21.85 -7.11
C GLY A 292 12.97 -22.66 -6.12
N SER A 293 11.83 -22.14 -5.66
CA SER A 293 11.00 -22.84 -4.70
C SER A 293 10.53 -24.18 -5.25
C1 FHX B . -9.43 -1.45 0.17
C3 FHX B . -7.58 -0.47 0.74
C4 FHX B . -7.91 -1.83 0.08
N2 FHX B . -9.00 -0.22 0.84
C7 FHX B . -11.35 -3.04 -2.43
C8 FHX B . -11.27 -2.41 -3.70
C9 FHX B . -11.71 -3.14 -4.80
C11 FHX B . -11.03 -1.16 -5.59
C12 FHX B . -10.84 -1.15 -4.23
C13 FHX B . -12.24 -4.89 -3.56
C15 FHX B . -10.26 -1.22 -1.09
C16 FHX B . -10.27 -2.40 1.02
C17 FHX B . -10.82 -3.34 -0.07
C18 FHX B . -9.73 0.83 1.32
C20 FHX B . -8.90 1.98 1.87
C21 FHX B . -9.67 3.23 1.85
C23 FHX B . -7.26 -2.09 -1.27
N10 FHX B . -11.56 -2.37 -5.92
N14 FHX B . -12.21 -4.38 -4.79
N22 FHX B . -10.28 4.22 1.82
N5 FHX B . -10.96 -2.49 -1.25
N6 FHX B . -11.85 -4.31 -2.41
O19 FHX B . -10.96 0.83 1.31
#